data_3C8A
#
_entry.id   3C8A
#
_cell.length_a   50.723
_cell.length_b   66.368
_cell.length_c   64.836
_cell.angle_alpha   90.00
_cell.angle_beta   98.31
_cell.angle_gamma   90.00
#
_symmetry.space_group_name_H-M   'P 1 21 1'
#
loop_
_entity.id
_entity.type
_entity.pdbx_description
1 polymer 'Botulinum neurotoxin A light chain'
2 polymer 'Inhibitor peptide RRGL'
3 non-polymer 'ZINC ION'
4 non-polymer 'SULFATE ION'
5 water water
#
loop_
_entity_poly.entity_id
_entity_poly.type
_entity_poly.pdbx_seq_one_letter_code
_entity_poly.pdbx_strand_id
1 'polypeptide(L)'
;MPFVNKQFNYKDPVNGVDIAYIKIPNAGQMQPVKAFKIHNKIWVIPERDTFTNPEEGDLNPPPEAKQVPVSYYDSTYLST
DNEKDNYLKGVTKLFERIYSTDLGRMLLTSIVRGIPFWGGSTIDTELKVIDTNCINVIQPDGSYRSEELNLVIIGPSADI
IQFECKSFGHEVLNLTRNGYGSTQYIRFSPDFTFGFEESLEVDTNPLLGAGKFATDPAVTLAHELIHAGHRLYGIAINPN
RVFKVNTNAYYEMSGLEVSFEELRTFGGHDAKFIDSLQENEFRLYYYNKFKDIASTLNKAKSIVGTTASLQYMKNVFKEK
YLLSEDTSGKFSVDKLKFDKLYKMLTEIYTEDNFVKFFKVLNRKTYLNFDKAVFKINIVPKVNYTIYDGFNLRNTNLAAN
FNGQNTEINNMNFTKLKNFTGLFELEHHHHHH
;
A
2 'polypeptide(L)' RRGL(NH2) B
#
loop_
_chem_comp.id
_chem_comp.type
_chem_comp.name
_chem_comp.formula
NH2 non-polymer 'AMINO GROUP' 'H2 N'
SO4 non-polymer 'SULFATE ION' 'O4 S -2'
ZN non-polymer 'ZINC ION' 'Zn 2'
#
# COMPACT_ATOMS: atom_id res chain seq x y z
N PRO A 2 5.85 -19.54 5.76
CA PRO A 2 5.47 -18.54 4.72
C PRO A 2 4.40 -17.59 5.24
N PHE A 3 4.32 -16.40 4.64
CA PHE A 3 3.33 -15.41 5.05
C PHE A 3 1.94 -15.87 4.58
N VAL A 4 1.90 -16.48 3.40
CA VAL A 4 0.66 -16.98 2.82
C VAL A 4 0.74 -18.51 2.88
N ASN A 5 0.02 -19.11 3.83
CA ASN A 5 0.08 -20.56 3.97
C ASN A 5 -0.57 -21.40 2.88
N LYS A 6 -1.48 -20.83 2.10
CA LYS A 6 -2.10 -21.59 1.04
C LYS A 6 -1.83 -20.98 -0.34
N GLN A 7 -1.43 -21.83 -1.28
CA GLN A 7 -1.14 -21.39 -2.64
C GLN A 7 -2.40 -21.44 -3.47
N PHE A 8 -3.22 -20.40 -3.32
CA PHE A 8 -4.48 -20.30 -4.02
C PHE A 8 -4.36 -20.31 -5.54
N ASN A 9 -5.38 -20.90 -6.17
CA ASN A 9 -5.49 -20.94 -7.62
C ASN A 9 -6.79 -20.15 -7.76
N TYR A 10 -6.86 -19.26 -8.74
CA TYR A 10 -8.06 -18.46 -8.90
C TYR A 10 -9.33 -19.30 -9.02
N LYS A 11 -9.23 -20.46 -9.65
CA LYS A 11 -10.40 -21.30 -9.85
C LYS A 11 -10.76 -22.21 -8.68
N ASP A 12 -10.02 -22.15 -7.59
CA ASP A 12 -10.34 -22.97 -6.42
C ASP A 12 -11.77 -22.66 -6.00
N PRO A 13 -12.55 -23.70 -5.64
CA PRO A 13 -13.93 -23.47 -5.23
C PRO A 13 -14.07 -22.59 -4.00
N VAL A 14 -15.07 -21.72 -4.00
CA VAL A 14 -15.30 -20.84 -2.86
C VAL A 14 -15.68 -21.68 -1.65
N ASN A 15 -15.28 -21.24 -0.47
CA ASN A 15 -15.61 -21.96 0.75
C ASN A 15 -16.27 -21.05 1.77
N GLY A 16 -16.43 -19.78 1.42
CA GLY A 16 -17.06 -18.84 2.31
C GLY A 16 -16.21 -18.41 3.50
N VAL A 17 -14.95 -18.82 3.51
CA VAL A 17 -14.05 -18.44 4.61
C VAL A 17 -12.86 -17.66 4.08
N ASP A 18 -11.94 -18.32 3.37
CA ASP A 18 -10.80 -17.61 2.83
C ASP A 18 -10.84 -17.51 1.31
N ILE A 19 -11.87 -18.12 0.71
CA ILE A 19 -12.10 -18.02 -0.74
C ILE A 19 -13.59 -17.77 -0.79
N ALA A 20 -13.98 -16.55 -1.13
CA ALA A 20 -15.40 -16.23 -1.13
C ALA A 20 -15.75 -15.03 -1.98
N TYR A 21 -17.04 -14.90 -2.27
CA TYR A 21 -17.56 -13.78 -3.02
C TYR A 21 -17.85 -12.74 -1.95
N ILE A 22 -17.40 -11.51 -2.18
CA ILE A 22 -17.58 -10.46 -1.19
C ILE A 22 -18.05 -9.16 -1.82
N LYS A 23 -18.51 -8.25 -0.96
CA LYS A 23 -18.93 -6.93 -1.36
C LYS A 23 -18.22 -5.95 -0.44
N ILE A 24 -17.81 -4.81 -0.98
CA ILE A 24 -17.12 -3.82 -0.18
C ILE A 24 -18.05 -2.64 0.10
N PRO A 25 -17.83 -1.96 1.24
CA PRO A 25 -18.66 -0.81 1.66
C PRO A 25 -18.35 0.46 0.88
N ASN A 26 -18.68 0.47 -0.41
CA ASN A 26 -18.44 1.63 -1.25
C ASN A 26 -19.66 2.55 -1.32
N ALA A 27 -20.57 2.37 -0.37
CA ALA A 27 -21.78 3.20 -0.32
C ALA A 27 -22.59 3.10 -1.60
N GLY A 28 -22.36 2.04 -2.37
CA GLY A 28 -23.09 1.87 -3.61
C GLY A 28 -23.48 0.41 -3.82
N GLN A 29 -23.98 0.11 -5.01
CA GLN A 29 -24.39 -1.26 -5.33
C GLN A 29 -23.35 -1.91 -6.23
N MET A 30 -23.09 -3.19 -6.00
CA MET A 30 -22.11 -3.93 -6.80
C MET A 30 -22.40 -5.42 -6.75
N GLN A 31 -21.96 -6.13 -7.77
CA GLN A 31 -22.13 -7.56 -7.80
C GLN A 31 -20.95 -8.08 -6.99
N PRO A 32 -21.17 -9.17 -6.24
CA PRO A 32 -20.07 -9.72 -5.42
C PRO A 32 -18.88 -10.11 -6.28
N VAL A 33 -17.68 -9.99 -5.73
CA VAL A 33 -16.47 -10.34 -6.46
C VAL A 33 -15.71 -11.43 -5.70
N LYS A 34 -15.08 -12.34 -6.44
CA LYS A 34 -14.34 -13.42 -5.80
C LYS A 34 -13.06 -12.88 -5.20
N ALA A 35 -12.87 -13.14 -3.90
CA ALA A 35 -11.70 -12.67 -3.17
C ALA A 35 -11.03 -13.79 -2.40
N PHE A 36 -9.75 -13.57 -2.07
CA PHE A 36 -8.94 -14.55 -1.37
C PHE A 36 -8.27 -13.95 -0.13
N LYS A 37 -8.44 -14.60 1.01
CA LYS A 37 -7.83 -14.13 2.24
C LYS A 37 -6.48 -14.84 2.34
N ILE A 38 -5.40 -14.11 2.07
CA ILE A 38 -4.06 -14.69 2.09
C ILE A 38 -3.37 -14.70 3.45
N HIS A 39 -3.91 -13.94 4.40
CA HIS A 39 -3.33 -13.88 5.74
C HIS A 39 -4.34 -13.19 6.64
N ASN A 40 -4.20 -13.37 7.95
CA ASN A 40 -5.10 -12.72 8.89
C ASN A 40 -5.17 -11.22 8.56
N LYS A 41 -6.38 -10.72 8.40
CA LYS A 41 -6.64 -9.31 8.10
C LYS A 41 -6.26 -8.81 6.71
N ILE A 42 -5.80 -9.71 5.85
CA ILE A 42 -5.36 -9.31 4.50
C ILE A 42 -6.00 -10.11 3.38
N TRP A 43 -6.67 -9.40 2.47
CA TRP A 43 -7.36 -10.02 1.33
C TRP A 43 -6.85 -9.49 -0.01
N VAL A 44 -7.06 -10.30 -1.04
CA VAL A 44 -6.67 -9.95 -2.41
C VAL A 44 -7.89 -10.13 -3.32
N ILE A 45 -8.16 -9.09 -4.10
CA ILE A 45 -9.27 -9.09 -5.05
C ILE A 45 -8.68 -8.92 -6.44
N PRO A 46 -8.56 -10.03 -7.19
CA PRO A 46 -8.01 -10.03 -8.56
C PRO A 46 -8.98 -9.43 -9.58
N GLU A 47 -9.33 -8.17 -9.37
CA GLU A 47 -10.23 -7.45 -10.27
C GLU A 47 -9.73 -6.04 -10.45
N ARG A 48 -10.07 -5.43 -11.58
CA ARG A 48 -9.70 -4.05 -11.81
C ARG A 48 -10.58 -3.29 -10.83
N ASP A 49 -10.04 -2.27 -10.17
CA ASP A 49 -10.82 -1.53 -9.19
C ASP A 49 -11.81 -0.53 -9.74
N THR A 50 -13.05 -0.98 -9.89
CA THR A 50 -14.14 -0.14 -10.38
C THR A 50 -15.14 -0.03 -9.22
N PHE A 51 -14.67 -0.38 -8.02
CA PHE A 51 -15.52 -0.39 -6.84
C PHE A 51 -15.31 0.67 -5.76
N THR A 52 -14.06 0.96 -5.40
CA THR A 52 -13.82 1.95 -4.35
C THR A 52 -14.28 3.34 -4.75
N ASN A 53 -14.29 3.62 -6.05
CA ASN A 53 -14.72 4.93 -6.54
C ASN A 53 -15.71 4.72 -7.68
N PRO A 54 -17.01 4.92 -7.41
CA PRO A 54 -18.09 4.76 -8.40
C PRO A 54 -17.88 5.59 -9.66
N GLU A 55 -17.15 6.69 -9.54
CA GLU A 55 -16.89 7.58 -10.67
C GLU A 55 -15.71 7.09 -11.52
N GLU A 56 -15.16 5.94 -11.16
CA GLU A 56 -14.04 5.39 -11.89
C GLU A 56 -14.33 3.93 -12.24
N GLY A 57 -15.47 3.70 -12.89
CA GLY A 57 -15.86 2.36 -13.27
C GLY A 57 -15.65 2.09 -14.75
N ASP A 58 -15.10 3.08 -15.46
CA ASP A 58 -14.85 2.94 -16.89
C ASP A 58 -13.37 2.66 -17.15
N LEU A 59 -13.08 1.48 -17.67
CA LEU A 59 -11.71 1.10 -17.96
C LEU A 59 -11.27 1.51 -19.36
N ASN A 60 -12.24 1.77 -20.23
CA ASN A 60 -11.95 2.18 -21.60
C ASN A 60 -11.18 3.50 -21.59
N PRO A 61 -10.12 3.60 -22.39
CA PRO A 61 -9.31 4.82 -22.45
C PRO A 61 -9.99 5.95 -23.22
N PRO A 62 -9.90 7.18 -22.70
CA PRO A 62 -10.52 8.33 -23.37
C PRO A 62 -9.85 8.51 -24.73
N PRO A 63 -10.36 9.43 -25.56
CA PRO A 63 -9.73 9.63 -26.87
C PRO A 63 -8.23 9.91 -26.75
N GLU A 64 -7.45 9.39 -27.69
CA GLU A 64 -6.01 9.57 -27.69
C GLU A 64 -5.58 11.02 -27.49
N ALA A 65 -6.29 11.94 -28.14
CA ALA A 65 -5.97 13.37 -28.04
C ALA A 65 -6.24 13.93 -26.65
N LYS A 66 -6.88 13.13 -25.77
CA LYS A 66 -7.24 13.62 -24.44
C LYS A 66 -6.65 12.74 -23.35
N GLN A 67 -5.62 11.96 -23.62
CA GLN A 67 -5.03 11.09 -22.60
C GLN A 67 -3.92 11.80 -21.84
N VAL A 68 -4.06 11.76 -20.47
CA VAL A 68 -2.85 12.23 -19.82
C VAL A 68 -1.61 11.54 -20.39
N PRO A 69 -0.74 12.18 -20.95
CA PRO A 69 0.30 11.56 -21.78
C PRO A 69 1.12 10.53 -20.99
N VAL A 70 1.43 10.71 -19.73
CA VAL A 70 2.21 9.72 -19.00
C VAL A 70 1.22 8.88 -18.21
N SER A 71 0.88 7.73 -18.77
CA SER A 71 -0.09 6.82 -18.17
C SER A 71 -0.19 5.62 -19.09
N TYR A 72 -0.98 4.62 -18.70
CA TYR A 72 -1.14 3.44 -19.54
C TYR A 72 -2.52 2.81 -19.38
N TYR A 73 -3.23 2.69 -20.49
CA TYR A 73 -4.56 2.12 -20.49
C TYR A 73 -4.65 0.83 -21.30
N ASP A 74 -5.48 -0.10 -20.79
CA ASP A 74 -5.75 -1.38 -21.44
C ASP A 74 -6.97 -1.94 -20.75
N SER A 75 -8.13 -1.64 -21.31
CA SER A 75 -9.40 -2.07 -20.75
C SER A 75 -9.53 -3.59 -20.59
N THR A 76 -8.72 -4.35 -21.33
CA THR A 76 -8.81 -5.82 -21.25
C THR A 76 -7.94 -6.46 -20.18
N TYR A 77 -7.00 -5.71 -19.63
CA TYR A 77 -6.12 -6.26 -18.60
C TYR A 77 -6.88 -6.74 -17.37
N LEU A 78 -6.55 -7.96 -16.93
CA LEU A 78 -7.16 -8.57 -15.76
C LEU A 78 -8.65 -8.85 -15.94
N SER A 79 -9.03 -9.34 -17.12
CA SER A 79 -10.42 -9.65 -17.40
C SER A 79 -10.66 -11.15 -17.52
N THR A 80 -9.58 -11.93 -17.67
CA THR A 80 -9.72 -13.38 -17.82
C THR A 80 -9.29 -14.13 -16.58
N ASP A 81 -9.75 -15.37 -16.45
CA ASP A 81 -9.40 -16.20 -15.30
C ASP A 81 -7.90 -16.46 -15.20
N ASN A 82 -7.25 -16.69 -16.34
CA ASN A 82 -5.82 -16.95 -16.32
C ASN A 82 -5.08 -15.73 -15.78
N GLU A 83 -5.50 -14.54 -16.20
CA GLU A 83 -4.86 -13.33 -15.72
C GLU A 83 -5.04 -13.17 -14.23
N LYS A 84 -6.24 -13.46 -13.75
CA LYS A 84 -6.53 -13.34 -12.33
C LYS A 84 -5.74 -14.35 -11.52
N ASP A 85 -5.54 -15.54 -12.09
CA ASP A 85 -4.77 -16.59 -11.44
C ASP A 85 -3.33 -16.10 -11.31
N ASN A 86 -2.81 -15.54 -12.40
CA ASN A 86 -1.44 -15.04 -12.40
C ASN A 86 -1.28 -13.84 -11.47
N TYR A 87 -2.32 -13.01 -11.40
CA TYR A 87 -2.31 -11.83 -10.54
C TYR A 87 -2.22 -12.27 -9.07
N LEU A 88 -3.05 -13.23 -8.70
CA LEU A 88 -3.07 -13.76 -7.33
C LEU A 88 -1.71 -14.34 -6.94
N LYS A 89 -1.15 -15.16 -7.82
CA LYS A 89 0.14 -15.78 -7.57
C LYS A 89 1.27 -14.75 -7.53
N GLY A 90 1.16 -13.71 -8.35
CA GLY A 90 2.18 -12.67 -8.37
C GLY A 90 2.16 -11.84 -7.10
N VAL A 91 0.97 -11.44 -6.67
CA VAL A 91 0.84 -10.65 -5.44
C VAL A 91 1.32 -11.48 -4.25
N THR A 92 0.96 -12.76 -4.22
CA THR A 92 1.36 -13.65 -3.14
C THR A 92 2.89 -13.74 -3.08
N LYS A 93 3.51 -13.91 -4.23
CA LYS A 93 4.95 -14.02 -4.32
C LYS A 93 5.64 -12.78 -3.78
N LEU A 94 5.09 -11.60 -4.09
CA LEU A 94 5.68 -10.37 -3.61
C LEU A 94 5.55 -10.25 -2.10
N PHE A 95 4.43 -10.73 -1.55
CA PHE A 95 4.28 -10.69 -0.09
C PHE A 95 5.34 -11.57 0.55
N GLU A 96 5.60 -12.73 -0.06
CA GLU A 96 6.61 -13.63 0.49
C GLU A 96 8.00 -13.01 0.39
N ARG A 97 8.28 -12.34 -0.73
CA ARG A 97 9.58 -11.70 -0.91
C ARG A 97 9.76 -10.63 0.16
N ILE A 98 8.71 -9.86 0.41
CA ILE A 98 8.76 -8.80 1.42
C ILE A 98 8.91 -9.42 2.82
N TYR A 99 8.12 -10.44 3.10
CA TYR A 99 8.15 -11.11 4.40
C TYR A 99 9.48 -11.81 4.69
N SER A 100 10.18 -12.21 3.63
CA SER A 100 11.46 -12.92 3.77
C SER A 100 12.59 -12.04 4.31
N THR A 101 12.35 -10.73 4.38
CA THR A 101 13.35 -9.81 4.90
C THR A 101 12.94 -9.39 6.30
N ASP A 102 13.91 -9.07 7.15
CA ASP A 102 13.55 -8.66 8.50
C ASP A 102 12.68 -7.41 8.47
N LEU A 103 13.02 -6.46 7.62
CA LEU A 103 12.26 -5.22 7.52
C LEU A 103 10.83 -5.48 7.07
N GLY A 104 10.67 -6.36 6.09
CA GLY A 104 9.34 -6.70 5.59
C GLY A 104 8.51 -7.42 6.63
N ARG A 105 9.15 -8.29 7.40
CA ARG A 105 8.45 -9.00 8.47
C ARG A 105 7.96 -7.99 9.50
N MET A 106 8.80 -7.01 9.80
CA MET A 106 8.45 -5.99 10.78
C MET A 106 7.26 -5.17 10.26
N LEU A 107 7.34 -4.71 9.02
CA LEU A 107 6.26 -3.93 8.43
C LEU A 107 4.93 -4.69 8.37
N LEU A 108 4.97 -5.92 7.88
CA LEU A 108 3.74 -6.71 7.78
C LEU A 108 3.16 -7.01 9.17
N THR A 109 4.01 -7.20 10.16
CA THR A 109 3.54 -7.44 11.51
C THR A 109 2.81 -6.18 12.01
N SER A 110 3.42 -5.02 11.76
CA SER A 110 2.80 -3.76 12.15
C SER A 110 1.45 -3.57 11.46
N ILE A 111 1.39 -3.94 10.19
CA ILE A 111 0.15 -3.81 9.43
C ILE A 111 -0.94 -4.71 10.01
N VAL A 112 -0.61 -5.96 10.31
CA VAL A 112 -1.59 -6.89 10.85
C VAL A 112 -2.09 -6.42 12.22
N ARG A 113 -1.20 -5.86 13.02
CA ARG A 113 -1.59 -5.37 14.35
C ARG A 113 -2.33 -4.04 14.26
N GLY A 114 -2.23 -3.38 13.11
CA GLY A 114 -2.84 -2.07 12.95
C GLY A 114 -4.33 -2.05 12.65
N ILE A 115 -5.09 -2.80 13.43
CA ILE A 115 -6.54 -2.87 13.26
C ILE A 115 -7.18 -1.48 13.36
N PRO A 116 -8.01 -1.11 12.37
CA PRO A 116 -8.68 0.19 12.39
C PRO A 116 -9.45 0.35 13.71
N PHE A 117 -9.28 1.50 14.35
CA PHE A 117 -9.92 1.76 15.62
C PHE A 117 -11.45 1.69 15.60
N TRP A 118 -12.02 1.16 16.67
CA TRP A 118 -13.46 1.04 16.83
C TRP A 118 -14.01 2.38 17.32
N GLY A 119 -14.11 3.34 16.42
CA GLY A 119 -14.62 4.64 16.80
C GLY A 119 -15.90 5.04 16.08
N GLY A 120 -16.74 4.06 15.78
CA GLY A 120 -17.97 4.35 15.07
C GLY A 120 -19.18 4.62 15.94
N SER A 121 -18.97 4.68 17.25
CA SER A 121 -20.06 4.92 18.18
C SER A 121 -20.29 6.41 18.43
N THR A 122 -21.56 6.80 18.56
CA THR A 122 -21.91 8.18 18.82
C THR A 122 -21.99 8.42 20.32
N ILE A 123 -22.10 7.33 21.08
CA ILE A 123 -22.17 7.40 22.54
C ILE A 123 -20.78 7.04 23.07
N ASP A 124 -20.13 8.02 23.70
CA ASP A 124 -18.78 7.82 24.23
C ASP A 124 -18.64 6.71 25.27
N THR A 125 -19.76 6.17 25.74
CA THR A 125 -19.71 5.12 26.74
C THR A 125 -19.64 3.73 26.12
N GLU A 126 -19.79 3.66 24.79
CA GLU A 126 -19.75 2.37 24.10
C GLU A 126 -18.71 2.36 22.99
N LEU A 127 -18.11 1.20 22.76
CA LEU A 127 -17.10 1.02 21.74
C LEU A 127 -17.73 0.28 20.56
N LYS A 128 -17.67 0.87 19.37
CA LYS A 128 -18.26 0.24 18.19
C LYS A 128 -17.40 0.34 16.94
N VAL A 129 -17.43 -0.71 16.13
CA VAL A 129 -16.65 -0.78 14.90
C VAL A 129 -17.22 0.16 13.84
N ILE A 130 -16.38 0.57 12.90
CA ILE A 130 -16.82 1.43 11.81
C ILE A 130 -17.00 0.46 10.62
N ASP A 131 -18.24 0.33 10.16
CA ASP A 131 -18.57 -0.60 9.08
C ASP A 131 -17.75 -0.52 7.80
N THR A 132 -17.20 0.64 7.48
CA THR A 132 -16.42 0.76 6.26
C THR A 132 -15.03 0.13 6.38
N ASN A 133 -14.71 -0.38 7.56
CA ASN A 133 -13.44 -1.06 7.79
C ASN A 133 -13.71 -2.56 7.78
N CYS A 134 -14.80 -2.95 7.13
CA CYS A 134 -15.19 -4.35 7.01
C CYS A 134 -15.60 -4.65 5.57
N ILE A 135 -15.75 -5.93 5.28
CA ILE A 135 -16.22 -6.38 3.98
C ILE A 135 -17.33 -7.37 4.30
N ASN A 136 -18.24 -7.56 3.35
CA ASN A 136 -19.33 -8.51 3.58
C ASN A 136 -19.01 -9.78 2.81
N VAL A 137 -18.83 -10.86 3.56
CA VAL A 137 -18.48 -12.15 2.98
C VAL A 137 -19.69 -13.05 2.84
N ILE A 138 -19.90 -13.60 1.65
CA ILE A 138 -21.02 -14.50 1.42
C ILE A 138 -20.65 -15.85 2.03
N GLN A 139 -21.44 -16.29 3.00
CA GLN A 139 -21.22 -17.56 3.68
C GLN A 139 -21.79 -18.70 2.85
N PRO A 140 -21.49 -19.96 3.23
CA PRO A 140 -22.00 -21.12 2.49
C PRO A 140 -23.51 -21.16 2.34
N ASP A 141 -24.22 -20.62 3.33
CA ASP A 141 -25.69 -20.62 3.27
C ASP A 141 -26.22 -19.46 2.44
N GLY A 142 -25.31 -18.72 1.82
CA GLY A 142 -25.71 -17.60 0.98
C GLY A 142 -25.91 -16.30 1.72
N SER A 143 -25.79 -16.34 3.05
CA SER A 143 -25.96 -15.13 3.85
C SER A 143 -24.65 -14.36 3.92
N TYR A 144 -24.76 -13.09 4.29
CA TYR A 144 -23.59 -12.21 4.40
C TYR A 144 -23.14 -12.07 5.85
N ARG A 145 -21.83 -12.04 6.07
CA ARG A 145 -21.30 -11.84 7.41
C ARG A 145 -20.26 -10.72 7.30
N SER A 146 -20.24 -9.84 8.28
CA SER A 146 -19.30 -8.73 8.29
C SER A 146 -17.97 -9.16 8.87
N GLU A 147 -16.89 -8.94 8.12
CA GLU A 147 -15.56 -9.29 8.59
C GLU A 147 -14.64 -8.07 8.55
N GLU A 148 -14.01 -7.79 9.68
CA GLU A 148 -13.08 -6.67 9.76
C GLU A 148 -11.80 -7.08 9.06
N LEU A 149 -11.17 -6.15 8.39
CA LEU A 149 -9.90 -6.42 7.71
C LEU A 149 -9.07 -5.14 7.70
N ASN A 150 -7.78 -5.30 7.50
CA ASN A 150 -6.87 -4.17 7.49
C ASN A 150 -6.40 -3.79 6.09
N LEU A 151 -6.25 -4.79 5.23
CA LEU A 151 -5.71 -4.53 3.91
C LEU A 151 -6.30 -5.37 2.79
N VAL A 152 -6.47 -4.73 1.63
CA VAL A 152 -6.99 -5.38 0.44
C VAL A 152 -6.07 -4.97 -0.70
N ILE A 153 -5.63 -5.94 -1.48
CA ILE A 153 -4.81 -5.63 -2.64
C ILE A 153 -5.77 -5.86 -3.79
N ILE A 154 -5.98 -4.84 -4.62
CA ILE A 154 -6.90 -4.93 -5.73
C ILE A 154 -6.22 -4.41 -6.99
N GLY A 155 -6.73 -4.82 -8.15
CA GLY A 155 -6.16 -4.38 -9.41
C GLY A 155 -6.35 -2.90 -9.64
N PRO A 156 -5.57 -2.29 -10.53
CA PRO A 156 -5.68 -0.87 -10.81
C PRO A 156 -6.99 -0.50 -11.51
N SER A 157 -7.30 0.79 -11.52
CA SER A 157 -8.50 1.27 -12.17
C SER A 157 -8.13 1.46 -13.65
N ALA A 158 -8.74 2.43 -14.32
CA ALA A 158 -8.49 2.68 -15.73
C ALA A 158 -7.02 2.85 -16.09
N ASP A 159 -6.35 3.78 -15.41
CA ASP A 159 -4.93 3.98 -15.67
C ASP A 159 -4.20 2.90 -14.88
N ILE A 160 -3.72 1.91 -15.62
CA ILE A 160 -3.04 0.78 -15.01
C ILE A 160 -1.86 1.07 -14.12
N ILE A 161 -1.11 2.12 -14.40
CA ILE A 161 0.05 2.37 -13.56
C ILE A 161 -0.11 3.36 -12.44
N GLN A 162 -1.36 3.75 -12.18
CA GLN A 162 -1.62 4.65 -11.06
C GLN A 162 -1.88 3.79 -9.84
N PHE A 163 -0.81 3.35 -9.18
CA PHE A 163 -0.94 2.53 -7.99
C PHE A 163 -1.13 3.51 -6.84
N GLU A 164 -1.93 3.14 -5.84
CA GLU A 164 -2.18 4.03 -4.73
C GLU A 164 -3.00 3.37 -3.65
N CYS A 165 -2.98 3.97 -2.46
CA CYS A 165 -3.78 3.48 -1.35
C CYS A 165 -5.09 4.24 -1.37
N LYS A 166 -6.19 3.51 -1.29
CA LYS A 166 -7.52 4.09 -1.28
C LYS A 166 -8.20 3.56 -0.04
N SER A 167 -9.01 4.39 0.61
CA SER A 167 -9.74 3.95 1.78
C SER A 167 -11.00 4.76 1.91
N PHE A 168 -12.00 4.17 2.55
CA PHE A 168 -13.27 4.86 2.72
C PHE A 168 -13.19 5.86 3.86
N GLY A 169 -13.67 7.07 3.59
CA GLY A 169 -13.64 8.12 4.58
C GLY A 169 -14.82 8.05 5.53
N HIS A 170 -14.86 9.01 6.45
CA HIS A 170 -15.94 9.07 7.42
C HIS A 170 -16.58 10.45 7.27
N GLU A 171 -17.87 10.53 7.60
CA GLU A 171 -18.60 11.79 7.48
C GLU A 171 -17.89 12.95 8.17
N VAL A 172 -17.29 12.70 9.33
CA VAL A 172 -16.61 13.75 10.06
C VAL A 172 -15.17 13.43 10.44
N LEU A 173 -14.89 12.16 10.71
CA LEU A 173 -13.55 11.74 11.11
C LEU A 173 -12.58 11.56 9.94
N ASN A 174 -11.36 12.04 10.10
CA ASN A 174 -10.34 11.89 9.07
C ASN A 174 -9.52 10.70 9.57
N LEU A 175 -10.04 9.50 9.28
CA LEU A 175 -9.45 8.25 9.73
C LEU A 175 -7.97 8.01 9.47
N THR A 176 -7.43 8.47 8.35
CA THR A 176 -6.02 8.24 8.08
C THR A 176 -5.11 9.27 8.73
N ARG A 177 -5.69 10.27 9.39
CA ARG A 177 -4.89 11.30 10.04
C ARG A 177 -5.31 11.66 11.47
N ASN A 178 -6.17 10.86 12.08
CA ASN A 178 -6.60 11.12 13.45
C ASN A 178 -6.23 9.97 14.38
N GLY A 179 -5.27 9.16 13.96
CA GLY A 179 -4.84 8.04 14.77
C GLY A 179 -5.70 6.79 14.68
N TYR A 180 -6.93 6.93 14.19
CA TYR A 180 -7.85 5.81 14.09
C TYR A 180 -7.44 4.73 13.10
N GLY A 181 -7.19 5.15 11.87
CA GLY A 181 -6.82 4.20 10.84
C GLY A 181 -8.07 3.70 10.14
N SER A 182 -7.89 3.16 8.94
CA SER A 182 -9.00 2.63 8.16
C SER A 182 -8.49 1.54 7.24
N THR A 183 -9.39 0.66 6.80
CA THR A 183 -9.00 -0.42 5.90
C THR A 183 -8.41 0.17 4.63
N GLN A 184 -7.25 -0.31 4.24
CA GLN A 184 -6.57 0.19 3.07
C GLN A 184 -6.72 -0.71 1.85
N TYR A 185 -7.10 -0.09 0.73
CA TYR A 185 -7.26 -0.80 -0.54
C TYR A 185 -6.13 -0.31 -1.42
N ILE A 186 -5.19 -1.20 -1.74
CA ILE A 186 -4.07 -0.83 -2.56
C ILE A 186 -4.28 -1.24 -4.01
N ARG A 187 -4.37 -0.24 -4.89
CA ARG A 187 -4.50 -0.51 -6.32
C ARG A 187 -3.07 -0.84 -6.72
N PHE A 188 -2.87 -2.05 -7.24
CA PHE A 188 -1.54 -2.50 -7.58
C PHE A 188 -1.59 -3.63 -8.58
N SER A 189 -0.51 -3.78 -9.35
CA SER A 189 -0.40 -4.86 -10.30
C SER A 189 1.02 -5.39 -10.31
N PRO A 190 1.18 -6.72 -10.25
CA PRO A 190 2.50 -7.35 -10.26
C PRO A 190 2.89 -7.67 -11.71
N ASP A 191 2.01 -7.33 -12.64
CA ASP A 191 2.21 -7.64 -14.05
C ASP A 191 2.88 -6.57 -14.92
N PHE A 192 3.23 -5.45 -14.31
CA PHE A 192 3.88 -4.35 -15.00
C PHE A 192 4.90 -3.76 -14.04
N THR A 193 5.91 -3.11 -14.60
CA THR A 193 6.87 -2.41 -13.77
C THR A 193 7.40 -1.22 -14.56
N PHE A 194 8.23 -0.42 -13.90
CA PHE A 194 8.75 0.80 -14.48
C PHE A 194 10.24 0.81 -14.74
N GLY A 195 10.61 1.53 -15.78
CA GLY A 195 12.01 1.64 -16.12
C GLY A 195 12.61 2.94 -15.62
N PHE A 196 13.81 2.84 -15.07
CA PHE A 196 14.51 4.02 -14.57
C PHE A 196 15.94 3.97 -15.08
N GLU A 197 16.69 5.04 -14.83
CA GLU A 197 18.06 5.13 -15.31
C GLU A 197 19.10 5.06 -14.20
N GLU A 198 20.21 4.40 -14.48
CA GLU A 198 21.30 4.20 -13.55
C GLU A 198 22.07 5.48 -13.17
N SER A 199 22.10 6.47 -14.06
CA SER A 199 22.80 7.72 -13.78
C SER A 199 21.81 8.73 -13.22
N LEU A 200 22.12 9.29 -12.05
CA LEU A 200 21.23 10.26 -11.42
C LEU A 200 20.86 11.44 -12.31
N GLU A 201 21.85 12.01 -13.00
CA GLU A 201 21.59 13.16 -13.89
C GLU A 201 20.68 12.80 -15.05
N VAL A 202 20.61 11.52 -15.38
CA VAL A 202 19.74 11.06 -16.46
C VAL A 202 18.37 10.73 -15.91
N ASP A 203 18.35 10.00 -14.79
CA ASP A 203 17.09 9.60 -14.19
C ASP A 203 16.22 10.78 -13.78
N THR A 204 16.86 11.85 -13.32
CA THR A 204 16.12 13.03 -12.87
C THR A 204 15.90 14.07 -13.96
N ASN A 205 16.15 13.68 -15.21
CA ASN A 205 15.95 14.56 -16.36
C ASN A 205 14.80 13.99 -17.20
N PRO A 206 13.78 14.82 -17.50
CA PRO A 206 12.62 14.39 -18.28
C PRO A 206 12.84 14.19 -19.77
N LEU A 207 14.03 14.53 -20.25
CA LEU A 207 14.32 14.42 -21.68
C LEU A 207 15.30 13.30 -22.01
N LEU A 208 15.84 12.63 -20.99
CA LEU A 208 16.84 11.60 -21.20
C LEU A 208 16.53 10.22 -20.67
N GLY A 209 17.04 9.20 -21.36
CA GLY A 209 16.88 7.82 -20.91
C GLY A 209 15.67 7.08 -21.45
N ALA A 210 15.86 5.79 -21.71
CA ALA A 210 14.78 4.98 -22.23
C ALA A 210 14.27 3.98 -21.20
N GLY A 211 14.93 3.94 -20.03
CA GLY A 211 14.53 3.03 -18.98
C GLY A 211 15.29 1.72 -19.04
N LYS A 212 16.60 1.79 -18.90
CA LYS A 212 17.44 0.59 -18.97
C LYS A 212 17.19 -0.41 -17.84
N PHE A 213 16.99 0.09 -16.63
CA PHE A 213 16.74 -0.81 -15.51
C PHE A 213 15.28 -0.83 -15.10
N ALA A 214 14.82 -2.00 -14.64
CA ALA A 214 13.45 -2.18 -14.23
C ALA A 214 13.32 -2.20 -12.72
N THR A 215 12.33 -1.47 -12.22
CA THR A 215 12.07 -1.42 -10.79
C THR A 215 11.58 -2.79 -10.33
N ASP A 216 12.09 -3.26 -9.21
CA ASP A 216 11.63 -4.55 -8.69
C ASP A 216 10.24 -4.30 -8.12
N PRO A 217 9.22 -5.02 -8.64
CA PRO A 217 7.86 -4.79 -8.11
C PRO A 217 7.68 -4.98 -6.62
N ALA A 218 8.60 -5.69 -5.96
CA ALA A 218 8.50 -5.88 -4.51
C ALA A 218 8.72 -4.54 -3.82
N VAL A 219 9.58 -3.70 -4.40
CA VAL A 219 9.82 -2.37 -3.84
C VAL A 219 8.58 -1.51 -4.03
N THR A 220 7.97 -1.59 -5.20
CA THR A 220 6.77 -0.82 -5.50
C THR A 220 5.65 -1.20 -4.53
N LEU A 221 5.45 -2.49 -4.30
CA LEU A 221 4.42 -2.92 -3.37
C LEU A 221 4.76 -2.47 -1.95
N ALA A 222 6.02 -2.61 -1.57
CA ALA A 222 6.47 -2.20 -0.24
C ALA A 222 6.19 -0.72 -0.03
N HIS A 223 6.41 0.09 -1.07
CA HIS A 223 6.15 1.52 -0.98
C HIS A 223 4.68 1.74 -0.61
N GLU A 224 3.78 1.03 -1.28
CA GLU A 224 2.37 1.17 -0.96
C GLU A 224 2.05 0.64 0.43
N LEU A 225 2.71 -0.45 0.83
CA LEU A 225 2.47 -1.00 2.16
C LEU A 225 2.91 -0.02 3.24
N ILE A 226 3.92 0.79 2.93
CA ILE A 226 4.41 1.78 3.88
C ILE A 226 3.33 2.86 4.05
N HIS A 227 2.76 3.31 2.93
CA HIS A 227 1.68 4.29 3.00
C HIS A 227 0.55 3.66 3.82
N ALA A 228 0.25 2.40 3.54
CA ALA A 228 -0.82 1.68 4.23
C ALA A 228 -0.57 1.67 5.74
N GLY A 229 0.68 1.47 6.12
CA GLY A 229 1.04 1.46 7.52
C GLY A 229 0.73 2.80 8.16
N HIS A 230 1.10 3.88 7.48
CA HIS A 230 0.83 5.21 8.01
C HIS A 230 -0.67 5.41 8.17
N ARG A 231 -1.42 5.03 7.13
CA ARG A 231 -2.86 5.21 7.14
C ARG A 231 -3.58 4.32 8.14
N LEU A 232 -3.09 3.11 8.37
CA LEU A 232 -3.71 2.19 9.35
C LEU A 232 -3.51 2.67 10.77
N TYR A 233 -2.44 3.43 11.02
CA TYR A 233 -2.17 3.95 12.35
C TYR A 233 -2.63 5.41 12.42
N GLY A 234 -3.31 5.85 11.36
CA GLY A 234 -3.84 7.20 11.31
C GLY A 234 -2.83 8.32 11.43
N ILE A 235 -1.63 8.12 10.90
CA ILE A 235 -0.60 9.14 10.97
C ILE A 235 -0.10 9.62 9.61
N ALA A 236 -0.91 9.44 8.57
CA ALA A 236 -0.52 9.89 7.24
C ALA A 236 -0.47 11.42 7.27
N ILE A 237 0.46 12.00 6.51
CA ILE A 237 0.58 13.45 6.48
C ILE A 237 -0.40 14.00 5.45
N ASN A 238 -1.16 15.02 5.86
CA ASN A 238 -2.15 15.64 4.99
C ASN A 238 -1.51 15.96 3.64
N PRO A 239 -2.15 15.53 2.54
CA PRO A 239 -1.60 15.79 1.21
C PRO A 239 -1.42 17.27 0.87
N ASN A 240 -2.00 18.17 1.66
CA ASN A 240 -1.85 19.59 1.40
C ASN A 240 -0.51 20.10 1.91
N ARG A 241 0.18 19.25 2.67
CA ARG A 241 1.50 19.62 3.20
C ARG A 241 2.48 19.11 2.15
N VAL A 242 3.04 20.04 1.37
CA VAL A 242 3.95 19.66 0.30
C VAL A 242 5.27 20.39 0.26
N PHE A 243 6.19 19.82 -0.51
CA PHE A 243 7.51 20.40 -0.71
C PHE A 243 7.49 21.01 -2.10
N LYS A 244 7.67 22.32 -2.15
CA LYS A 244 7.71 23.07 -3.39
C LYS A 244 9.13 22.84 -3.90
N VAL A 245 9.29 21.76 -4.65
CA VAL A 245 10.59 21.35 -5.17
C VAL A 245 11.45 22.47 -5.74
N ASN A 246 12.65 22.61 -5.16
CA ASN A 246 13.60 23.63 -5.59
C ASN A 246 14.99 23.02 -5.75
N THR A 247 15.02 21.71 -5.98
CA THR A 247 16.27 20.98 -6.15
C THR A 247 16.34 20.31 -7.51
N ASN A 248 15.36 20.59 -8.35
CA ASN A 248 15.31 20.05 -9.70
C ASN A 248 14.67 21.10 -10.59
N ALA A 249 15.48 21.69 -11.47
CA ALA A 249 15.01 22.74 -12.36
C ALA A 249 13.78 22.37 -13.17
N TYR A 250 13.67 21.11 -13.59
CA TYR A 250 12.53 20.67 -14.37
C TYR A 250 11.25 20.67 -13.55
N TYR A 251 11.36 20.29 -12.27
CA TYR A 251 10.21 20.31 -11.39
C TYR A 251 9.87 21.77 -11.11
N GLU A 252 10.90 22.50 -10.71
CA GLU A 252 10.80 23.90 -10.35
C GLU A 252 10.22 24.81 -11.44
N MET A 253 10.67 24.64 -12.69
CA MET A 253 10.17 25.45 -13.79
C MET A 253 8.69 25.25 -14.05
N SER A 254 8.13 24.19 -13.47
CA SER A 254 6.71 23.91 -13.64
C SER A 254 5.98 24.06 -12.31
N GLY A 255 6.71 24.55 -11.30
CA GLY A 255 6.13 24.76 -10.00
C GLY A 255 5.54 23.49 -9.40
N LEU A 256 6.15 22.35 -9.73
CA LEU A 256 5.65 21.08 -9.21
C LEU A 256 5.90 20.93 -7.73
N GLU A 257 4.92 20.34 -7.04
CA GLU A 257 5.02 20.13 -5.60
C GLU A 257 4.86 18.65 -5.30
N VAL A 258 5.57 18.18 -4.28
CA VAL A 258 5.51 16.78 -3.89
C VAL A 258 5.14 16.72 -2.41
N SER A 259 4.14 15.90 -2.08
CA SER A 259 3.69 15.79 -0.70
C SER A 259 4.74 15.26 0.27
N PHE A 260 4.70 15.74 1.52
CA PHE A 260 5.63 15.27 2.52
C PHE A 260 5.42 13.79 2.77
N GLU A 261 4.17 13.34 2.63
CA GLU A 261 3.84 11.94 2.84
C GLU A 261 4.65 11.06 1.87
N GLU A 262 4.82 11.51 0.63
CA GLU A 262 5.60 10.75 -0.34
C GLU A 262 7.09 10.80 -0.01
N LEU A 263 7.59 11.98 0.35
CA LEU A 263 9.01 12.13 0.68
C LEU A 263 9.36 11.28 1.90
N ARG A 264 8.44 11.25 2.88
CA ARG A 264 8.65 10.45 4.08
C ARG A 264 8.70 8.97 3.73
N THR A 265 7.78 8.57 2.88
CA THR A 265 7.68 7.18 2.46
C THR A 265 8.90 6.71 1.70
N PHE A 266 9.45 7.56 0.83
CA PHE A 266 10.65 7.17 0.11
C PHE A 266 11.81 7.05 1.10
N GLY A 267 11.93 8.05 1.97
CA GLY A 267 13.00 8.05 2.97
C GLY A 267 14.30 8.62 2.45
N GLY A 268 15.41 8.11 2.96
CA GLY A 268 16.72 8.59 2.53
C GLY A 268 16.84 10.10 2.61
N HIS A 269 17.55 10.67 1.65
CA HIS A 269 17.74 12.12 1.65
C HIS A 269 16.44 12.87 1.39
N ASP A 270 15.49 12.22 0.72
CA ASP A 270 14.21 12.87 0.43
C ASP A 270 13.47 13.29 1.69
N ALA A 271 13.56 12.46 2.73
CA ALA A 271 12.87 12.72 3.99
C ALA A 271 13.36 14.00 4.66
N LYS A 272 14.56 14.41 4.30
CA LYS A 272 15.17 15.61 4.87
C LYS A 272 14.59 16.91 4.33
N PHE A 273 13.77 16.81 3.29
CA PHE A 273 13.17 18.01 2.73
C PHE A 273 12.07 18.52 3.65
N ILE A 274 11.75 17.73 4.66
CA ILE A 274 10.75 18.11 5.65
C ILE A 274 11.53 18.68 6.81
N ASP A 275 11.46 20.00 7.00
CA ASP A 275 12.20 20.67 8.08
C ASP A 275 11.81 20.19 9.48
N SER A 276 12.75 20.33 10.41
CA SER A 276 12.55 19.89 11.79
C SER A 276 11.30 20.49 12.45
N LEU A 277 10.98 21.74 12.12
CA LEU A 277 9.82 22.41 12.69
C LEU A 277 8.48 21.80 12.27
N GLN A 278 8.32 21.50 10.98
CA GLN A 278 7.06 20.93 10.54
C GLN A 278 6.94 19.49 11.00
N GLU A 279 8.09 18.85 11.18
CA GLU A 279 8.12 17.46 11.66
C GLU A 279 7.80 17.36 13.17
N ASN A 280 8.26 18.32 13.96
CA ASN A 280 7.96 18.31 15.38
C ASN A 280 6.47 18.59 15.49
N GLU A 281 5.98 19.41 14.56
CA GLU A 281 4.56 19.75 14.53
C GLU A 281 3.70 18.51 14.32
N PHE A 282 4.02 17.73 13.30
CA PHE A 282 3.27 16.52 13.01
C PHE A 282 3.36 15.53 14.16
N ARG A 283 4.56 15.37 14.71
CA ARG A 283 4.75 14.43 15.81
C ARG A 283 3.85 14.77 16.98
N LEU A 284 3.77 16.06 17.33
CA LEU A 284 2.94 16.50 18.43
C LEU A 284 1.47 16.27 18.10
N TYR A 285 1.09 16.59 16.86
CA TYR A 285 -0.28 16.43 16.40
C TYR A 285 -0.75 14.99 16.57
N TYR A 286 0.06 14.05 16.10
CA TYR A 286 -0.32 12.64 16.20
C TYR A 286 -0.20 12.10 17.61
N TYR A 287 0.67 12.69 18.41
CA TYR A 287 0.82 12.29 19.80
C TYR A 287 -0.51 12.59 20.47
N ASN A 288 -1.05 13.78 20.19
CA ASN A 288 -2.33 14.20 20.76
C ASN A 288 -3.47 13.33 20.26
N LYS A 289 -3.39 12.88 19.02
CA LYS A 289 -4.44 12.02 18.49
C LYS A 289 -4.43 10.69 19.23
N PHE A 290 -3.24 10.20 19.56
CA PHE A 290 -3.12 8.94 20.29
C PHE A 290 -3.67 9.14 21.69
N LYS A 291 -3.50 10.34 22.22
CA LYS A 291 -3.99 10.68 23.56
C LYS A 291 -5.51 10.58 23.56
N ASP A 292 -6.14 11.09 22.51
CA ASP A 292 -7.59 11.05 22.40
C ASP A 292 -8.09 9.62 22.32
N ILE A 293 -7.34 8.76 21.66
CA ILE A 293 -7.72 7.36 21.54
C ILE A 293 -7.69 6.70 22.92
N ALA A 294 -6.63 6.98 23.68
CA ALA A 294 -6.50 6.43 25.02
C ALA A 294 -7.67 6.92 25.87
N SER A 295 -8.02 8.19 25.67
CA SER A 295 -9.12 8.80 26.41
C SER A 295 -10.45 8.15 26.06
N THR A 296 -10.69 7.95 24.77
CA THR A 296 -11.93 7.33 24.32
C THR A 296 -12.07 5.92 24.88
N LEU A 297 -10.95 5.21 24.98
CA LEU A 297 -10.96 3.86 25.52
C LEU A 297 -11.32 3.87 27.00
N ASN A 298 -10.83 4.87 27.73
CA ASN A 298 -11.12 4.97 29.16
C ASN A 298 -12.60 5.22 29.40
N LYS A 299 -13.22 6.05 28.57
CA LYS A 299 -14.63 6.36 28.69
C LYS A 299 -15.54 5.22 28.27
N ALA A 300 -15.00 4.25 27.54
CA ALA A 300 -15.78 3.11 27.08
C ALA A 300 -16.17 2.22 28.25
N LYS A 301 -17.47 1.93 28.37
CA LYS A 301 -17.97 1.09 29.44
C LYS A 301 -18.67 -0.16 28.91
N SER A 302 -18.99 -0.16 27.62
CA SER A 302 -19.66 -1.28 26.98
C SER A 302 -19.20 -1.43 25.54
N ILE A 303 -19.50 -2.58 24.94
CA ILE A 303 -19.12 -2.84 23.56
C ILE A 303 -20.31 -3.27 22.72
N VAL A 304 -20.32 -2.89 21.45
CA VAL A 304 -21.39 -3.24 20.54
C VAL A 304 -21.00 -4.49 19.75
N GLY A 305 -21.90 -5.47 19.72
CA GLY A 305 -21.63 -6.71 19.01
C GLY A 305 -21.37 -7.84 19.98
N THR A 306 -21.21 -9.05 19.47
CA THR A 306 -20.96 -10.21 20.32
C THR A 306 -19.78 -11.05 19.82
N THR A 307 -19.05 -10.52 18.85
CA THR A 307 -17.90 -11.23 18.29
C THR A 307 -16.71 -11.23 19.24
N ALA A 308 -16.49 -10.10 19.92
CA ALA A 308 -15.38 -9.98 20.86
C ALA A 308 -15.82 -9.23 22.11
N SER A 309 -15.06 -9.39 23.19
CA SER A 309 -15.38 -8.73 24.45
C SER A 309 -14.77 -7.34 24.51
N LEU A 310 -15.32 -6.49 25.36
CA LEU A 310 -14.81 -5.13 25.52
C LEU A 310 -13.36 -5.19 25.95
N GLN A 311 -13.07 -6.10 26.89
CA GLN A 311 -11.73 -6.29 27.40
C GLN A 311 -10.77 -6.70 26.29
N TYR A 312 -11.23 -7.58 25.41
CA TYR A 312 -10.40 -8.06 24.32
C TYR A 312 -10.06 -6.93 23.36
N MET A 313 -11.07 -6.15 22.97
CA MET A 313 -10.85 -5.05 22.04
C MET A 313 -10.02 -3.92 22.65
N LYS A 314 -10.23 -3.63 23.94
CA LYS A 314 -9.44 -2.58 24.58
C LYS A 314 -7.98 -3.01 24.59
N ASN A 315 -7.75 -4.30 24.73
CA ASN A 315 -6.40 -4.85 24.73
C ASN A 315 -5.82 -4.85 23.32
N VAL A 316 -6.68 -5.06 22.33
CA VAL A 316 -6.24 -5.07 20.93
C VAL A 316 -5.63 -3.72 20.59
N PHE A 317 -6.27 -2.67 21.07
CA PHE A 317 -5.79 -1.32 20.80
C PHE A 317 -4.67 -0.90 21.74
N LYS A 318 -4.58 -1.56 22.89
CA LYS A 318 -3.51 -1.25 23.82
C LYS A 318 -2.23 -1.71 23.12
N GLU A 319 -2.33 -2.85 22.45
CA GLU A 319 -1.21 -3.43 21.71
C GLU A 319 -0.89 -2.62 20.47
N LYS A 320 -1.91 -2.24 19.73
CA LYS A 320 -1.71 -1.48 18.50
C LYS A 320 -0.97 -0.17 18.75
N TYR A 321 -1.47 0.60 19.71
CA TYR A 321 -0.89 1.90 20.03
C TYR A 321 0.16 1.85 21.14
N LEU A 322 0.44 0.65 21.64
CA LEU A 322 1.44 0.48 22.71
C LEU A 322 1.17 1.41 23.89
N LEU A 323 -0.08 1.44 24.33
CA LEU A 323 -0.47 2.29 25.46
C LEU A 323 -0.02 1.69 26.79
N SER A 324 -0.08 2.50 27.83
CA SER A 324 0.31 2.06 29.17
C SER A 324 -0.96 1.99 30.02
N GLU A 325 -1.02 1.01 30.92
CA GLU A 325 -2.18 0.86 31.79
C GLU A 325 -1.77 0.96 33.26
N ASP A 326 -2.31 1.96 33.96
CA ASP A 326 -1.98 2.17 35.37
C ASP A 326 -2.73 1.21 36.28
N THR A 327 -2.78 1.55 37.56
CA THR A 327 -3.44 0.74 38.57
C THR A 327 -4.96 0.74 38.43
N SER A 328 -5.53 1.85 37.96
CA SER A 328 -6.97 1.96 37.79
C SER A 328 -7.42 1.40 36.44
N GLY A 329 -6.49 0.77 35.73
CA GLY A 329 -6.81 0.21 34.42
C GLY A 329 -6.97 1.28 33.37
N LYS A 330 -6.66 2.52 33.74
CA LYS A 330 -6.75 3.65 32.82
C LYS A 330 -5.59 3.63 31.83
N PHE A 331 -5.89 3.92 30.57
CA PHE A 331 -4.88 3.93 29.52
C PHE A 331 -4.28 5.33 29.35
N SER A 332 -3.02 5.37 28.95
CA SER A 332 -2.33 6.63 28.72
C SER A 332 -1.26 6.39 27.66
N VAL A 333 -0.86 7.47 26.99
CA VAL A 333 0.17 7.38 25.97
C VAL A 333 1.51 7.74 26.58
N ASP A 334 2.48 6.84 26.45
CA ASP A 334 3.83 7.05 26.97
C ASP A 334 4.62 7.73 25.85
N LYS A 335 5.25 8.86 26.15
CA LYS A 335 5.99 9.59 25.14
C LYS A 335 7.10 8.76 24.47
N LEU A 336 7.86 8.01 25.26
CA LEU A 336 8.93 7.19 24.71
C LEU A 336 8.41 6.13 23.76
N LYS A 337 7.31 5.49 24.16
CA LYS A 337 6.71 4.44 23.34
C LYS A 337 6.07 5.03 22.09
N PHE A 338 5.46 6.20 22.22
CA PHE A 338 4.85 6.83 21.05
C PHE A 338 5.95 7.18 20.06
N ASP A 339 6.99 7.85 20.53
CA ASP A 339 8.09 8.24 19.66
C ASP A 339 8.71 7.03 18.95
N LYS A 340 8.86 5.93 19.68
CA LYS A 340 9.45 4.71 19.13
C LYS A 340 8.59 4.12 18.02
N LEU A 341 7.29 4.04 18.25
CA LEU A 341 6.36 3.49 17.26
C LEU A 341 6.24 4.42 16.06
N TYR A 342 6.08 5.71 16.34
CA TYR A 342 5.95 6.72 15.30
C TYR A 342 7.19 6.67 14.40
N LYS A 343 8.36 6.60 15.01
CA LYS A 343 9.62 6.55 14.28
C LYS A 343 9.73 5.26 13.46
N MET A 344 9.27 4.16 14.03
CA MET A 344 9.30 2.88 13.33
C MET A 344 8.48 2.97 12.03
N LEU A 345 7.25 3.44 12.16
CA LEU A 345 6.34 3.56 11.02
C LEU A 345 6.73 4.59 9.97
N THR A 346 7.46 5.62 10.38
CA THR A 346 7.83 6.69 9.46
C THR A 346 9.28 6.73 8.98
N GLU A 347 10.21 6.27 9.81
CA GLU A 347 11.62 6.30 9.44
C GLU A 347 12.27 4.94 9.17
N ILE A 348 11.79 3.89 9.85
CA ILE A 348 12.36 2.57 9.62
C ILE A 348 11.73 1.97 8.37
N TYR A 349 10.41 2.07 8.24
CA TYR A 349 9.74 1.52 7.07
C TYR A 349 9.74 2.57 5.95
N THR A 350 10.74 2.50 5.09
CA THR A 350 10.84 3.42 3.96
C THR A 350 11.28 2.67 2.73
N GLU A 351 10.98 3.22 1.56
CA GLU A 351 11.37 2.59 0.30
C GLU A 351 12.89 2.42 0.24
N ASP A 352 13.61 3.47 0.61
CA ASP A 352 15.07 3.42 0.57
C ASP A 352 15.60 2.27 1.43
N ASN A 353 15.02 2.04 2.60
CA ASN A 353 15.49 0.94 3.42
C ASN A 353 15.16 -0.41 2.81
N PHE A 354 14.00 -0.52 2.15
CA PHE A 354 13.67 -1.80 1.52
C PHE A 354 14.66 -2.12 0.40
N VAL A 355 15.11 -1.09 -0.31
CA VAL A 355 16.07 -1.30 -1.38
C VAL A 355 17.33 -1.93 -0.79
N LYS A 356 17.73 -1.47 0.38
CA LYS A 356 18.92 -2.00 1.05
C LYS A 356 18.73 -3.48 1.40
N PHE A 357 17.52 -3.84 1.83
CA PHE A 357 17.26 -5.23 2.18
C PHE A 357 17.14 -6.16 0.98
N PHE A 358 16.53 -5.66 -0.10
CA PHE A 358 16.38 -6.49 -1.29
C PHE A 358 17.65 -6.54 -2.13
N LYS A 359 18.57 -5.61 -1.89
CA LYS A 359 19.82 -5.54 -2.65
C LYS A 359 19.52 -5.40 -4.13
N VAL A 360 18.66 -4.45 -4.47
CA VAL A 360 18.30 -4.20 -5.86
C VAL A 360 18.68 -2.78 -6.24
N LEU A 361 18.67 -2.49 -7.54
CA LEU A 361 18.94 -1.14 -8.02
C LEU A 361 17.56 -0.50 -8.01
N ASN A 362 17.50 0.80 -7.75
CA ASN A 362 16.21 1.47 -7.65
C ASN A 362 16.44 2.96 -7.83
N ARG A 363 15.37 3.71 -8.08
CA ARG A 363 15.52 5.16 -8.20
C ARG A 363 16.18 5.62 -6.88
N LYS A 364 17.06 6.61 -6.96
CA LYS A 364 17.76 7.13 -5.79
C LYS A 364 16.97 8.20 -5.07
N THR A 365 15.94 8.70 -5.73
CA THR A 365 15.10 9.74 -5.17
C THR A 365 13.71 9.64 -5.79
N TYR A 366 12.73 10.18 -5.08
CA TYR A 366 11.36 10.20 -5.56
C TYR A 366 11.23 11.30 -6.60
N LEU A 367 12.12 12.28 -6.52
CA LEU A 367 12.12 13.41 -7.43
C LEU A 367 12.83 13.14 -8.75
N ASN A 368 12.25 12.24 -9.53
CA ASN A 368 12.82 11.89 -10.81
C ASN A 368 11.73 11.89 -11.88
N PHE A 369 12.01 11.25 -13.01
CA PHE A 369 11.06 11.16 -14.10
C PHE A 369 11.06 9.74 -14.65
N ASP A 370 9.91 9.09 -14.64
CA ASP A 370 9.81 7.72 -15.16
C ASP A 370 10.20 7.70 -16.62
N LYS A 371 10.77 6.59 -17.07
CA LYS A 371 11.19 6.46 -18.45
C LYS A 371 10.26 5.60 -19.30
N ALA A 372 9.72 4.55 -18.70
CA ALA A 372 8.85 3.65 -19.43
C ALA A 372 8.12 2.66 -18.54
N VAL A 373 7.17 1.93 -19.16
CA VAL A 373 6.42 0.91 -18.46
C VAL A 373 6.62 -0.38 -19.24
N PHE A 374 6.91 -1.46 -18.52
CA PHE A 374 7.14 -2.78 -19.11
C PHE A 374 6.13 -3.78 -18.62
N LYS A 375 5.84 -4.76 -19.48
CA LYS A 375 4.95 -5.85 -19.09
C LYS A 375 5.93 -6.90 -18.60
N ILE A 376 5.60 -7.58 -17.50
CA ILE A 376 6.47 -8.60 -16.93
C ILE A 376 5.64 -9.79 -16.45
N ASN A 377 6.32 -10.85 -16.06
CA ASN A 377 5.65 -12.04 -15.52
C ASN A 377 6.57 -12.64 -14.47
N ILE A 378 6.31 -12.31 -13.21
CA ILE A 378 7.14 -12.80 -12.12
C ILE A 378 6.71 -14.14 -11.53
N VAL A 379 5.63 -14.72 -12.04
CA VAL A 379 5.16 -15.98 -11.49
C VAL A 379 6.11 -17.17 -11.70
N PRO A 380 6.66 -17.33 -12.91
CA PRO A 380 7.59 -18.45 -13.15
C PRO A 380 8.89 -18.27 -12.37
N LYS A 381 9.32 -19.31 -11.66
CA LYS A 381 10.56 -19.22 -10.89
C LYS A 381 11.77 -18.96 -11.76
N VAL A 382 11.67 -19.29 -13.04
CA VAL A 382 12.78 -19.07 -13.96
C VAL A 382 12.90 -17.59 -14.30
N ASN A 383 11.89 -16.82 -13.91
CA ASN A 383 11.86 -15.38 -14.18
C ASN A 383 12.13 -14.54 -12.94
N TYR A 384 11.57 -14.95 -11.80
CA TYR A 384 11.67 -14.15 -10.61
C TYR A 384 11.45 -15.03 -9.38
N THR A 385 12.20 -14.79 -8.32
CA THR A 385 12.04 -15.59 -7.10
C THR A 385 11.87 -14.75 -5.86
N ILE A 386 11.31 -15.36 -4.84
CA ILE A 386 11.08 -14.73 -3.56
C ILE A 386 12.40 -14.18 -2.99
N TYR A 387 13.46 -14.97 -3.17
CA TYR A 387 14.77 -14.64 -2.63
C TYR A 387 15.63 -13.65 -3.41
N ASP A 388 15.58 -13.70 -4.74
CA ASP A 388 16.41 -12.81 -5.55
C ASP A 388 15.69 -11.88 -6.52
N GLY A 389 14.36 -11.90 -6.54
CA GLY A 389 13.67 -11.05 -7.50
C GLY A 389 14.13 -11.47 -8.89
N PHE A 390 14.49 -10.51 -9.73
CA PHE A 390 14.95 -10.80 -11.10
C PHE A 390 16.41 -11.25 -11.16
N ASN A 391 17.19 -10.88 -10.15
CA ASN A 391 18.63 -11.18 -10.13
C ASN A 391 18.92 -12.58 -9.59
N LEU A 392 18.52 -13.58 -10.37
CA LEU A 392 18.68 -14.99 -9.99
C LEU A 392 20.09 -15.44 -9.68
N ARG A 393 20.27 -15.99 -8.49
CA ARG A 393 21.57 -16.48 -8.06
C ARG A 393 22.07 -17.61 -8.95
N ASN A 394 23.39 -17.73 -9.06
CA ASN A 394 24.02 -18.76 -9.86
C ASN A 394 23.64 -18.76 -11.34
N THR A 395 23.39 -17.56 -11.88
CA THR A 395 23.05 -17.39 -13.29
C THR A 395 23.76 -16.10 -13.71
N ASN A 396 23.70 -15.79 -14.99
CA ASN A 396 24.33 -14.58 -15.50
C ASN A 396 23.59 -13.33 -15.02
N LEU A 397 22.44 -13.53 -14.38
CA LEU A 397 21.64 -12.42 -13.89
C LEU A 397 21.87 -12.11 -12.41
N ALA A 398 22.71 -12.92 -11.76
CA ALA A 398 22.97 -12.74 -10.33
C ALA A 398 23.71 -11.47 -9.95
N ALA A 399 24.73 -11.10 -10.72
CA ALA A 399 25.52 -9.93 -10.38
C ALA A 399 25.19 -8.65 -11.14
N ASN A 400 25.61 -7.53 -10.55
CA ASN A 400 25.43 -6.21 -11.14
C ASN A 400 23.99 -5.89 -11.52
N PHE A 401 23.03 -6.47 -10.79
CA PHE A 401 21.61 -6.24 -11.05
C PHE A 401 21.27 -6.60 -12.49
N ASN A 402 21.98 -7.57 -13.05
CA ASN A 402 21.74 -7.97 -14.43
C ASN A 402 20.30 -8.40 -14.71
N GLY A 403 19.63 -8.93 -13.69
CA GLY A 403 18.25 -9.35 -13.85
C GLY A 403 17.32 -8.16 -14.06
N GLN A 404 17.68 -7.03 -13.49
CA GLN A 404 16.87 -5.82 -13.64
C GLN A 404 17.27 -5.02 -14.87
N ASN A 405 18.37 -5.45 -15.51
CA ASN A 405 18.87 -4.79 -16.70
C ASN A 405 17.97 -5.28 -17.84
N THR A 406 17.08 -4.41 -18.32
CA THR A 406 16.15 -4.82 -19.37
C THR A 406 16.80 -5.13 -20.71
N GLU A 407 18.06 -4.74 -20.86
CA GLU A 407 18.77 -5.01 -22.11
C GLU A 407 19.43 -6.38 -22.05
N ILE A 408 19.96 -6.74 -20.89
CA ILE A 408 20.60 -8.04 -20.71
C ILE A 408 19.53 -9.12 -20.54
N ASN A 409 18.57 -8.84 -19.67
CA ASN A 409 17.47 -9.75 -19.36
C ASN A 409 16.23 -9.33 -20.14
N ASN A 410 16.41 -9.07 -21.43
CA ASN A 410 15.33 -8.61 -22.30
C ASN A 410 14.13 -9.55 -22.44
N MET A 411 14.35 -10.86 -22.26
CA MET A 411 13.26 -11.82 -22.38
C MET A 411 12.21 -11.68 -21.28
N ASN A 412 12.55 -10.92 -20.23
CA ASN A 412 11.62 -10.72 -19.12
C ASN A 412 10.88 -9.40 -19.13
N PHE A 413 11.11 -8.59 -20.16
CA PHE A 413 10.46 -7.30 -20.24
C PHE A 413 9.99 -6.96 -21.65
N THR A 414 8.79 -6.41 -21.73
CA THR A 414 8.23 -5.96 -23.00
C THR A 414 7.85 -4.51 -22.78
N LYS A 415 8.57 -3.58 -23.41
CA LYS A 415 8.26 -2.17 -23.24
C LYS A 415 6.95 -1.84 -23.93
N LEU A 416 6.00 -1.32 -23.14
CA LEU A 416 4.69 -0.97 -23.68
C LEU A 416 4.59 0.49 -24.06
N LYS A 417 5.31 1.35 -23.36
CA LYS A 417 5.25 2.78 -23.63
C LYS A 417 6.44 3.54 -23.07
N ASN A 418 6.92 4.51 -23.83
CA ASN A 418 8.03 5.36 -23.41
C ASN A 418 7.41 6.64 -22.87
N PHE A 419 7.96 7.14 -21.77
CA PHE A 419 7.45 8.37 -21.18
C PHE A 419 8.39 9.55 -21.40
N THR A 420 9.67 9.25 -21.64
CA THR A 420 10.65 10.32 -21.84
C THR A 420 10.26 11.26 -22.97
N GLY A 421 10.31 12.56 -22.68
CA GLY A 421 9.98 13.57 -23.66
C GLY A 421 8.50 13.92 -23.70
N LEU A 422 7.73 13.32 -22.81
CA LEU A 422 6.30 13.58 -22.79
C LEU A 422 5.80 14.28 -21.53
N PHE A 423 6.73 14.78 -20.72
CA PHE A 423 6.35 15.47 -19.49
C PHE A 423 6.12 16.96 -19.75
N ARG B 1 1.90 6.19 -3.77
CA ARG B 1 1.85 6.56 -5.19
C ARG B 1 3.25 6.70 -5.74
N ARG B 2 3.44 6.29 -6.99
CA ARG B 2 4.75 6.34 -7.63
C ARG B 2 5.24 7.73 -7.98
N GLY B 3 4.32 8.62 -8.35
CA GLY B 3 4.74 9.95 -8.73
C GLY B 3 5.17 10.03 -10.18
N LEU B 4 5.86 11.11 -10.55
CA LEU B 4 6.33 11.31 -11.91
C LEU B 4 7.58 10.49 -12.27
N NH2 B 5 8.36 10.19 -11.34
ZN ZN C . 3.63 6.97 -2.83
S SO4 D . 11.73 -2.99 21.62
O1 SO4 D . 10.53 -2.49 22.34
O2 SO4 D . 12.23 -4.20 22.29
O3 SO4 D . 11.38 -3.30 20.23
O4 SO4 D . 12.77 -1.93 21.64
S SO4 E . -9.44 9.92 5.38
O1 SO4 E . -10.38 9.04 6.10
O2 SO4 E . -8.76 9.16 4.32
O3 SO4 E . -10.19 11.04 4.79
O4 SO4 E . -8.44 10.47 6.33
S SO4 F . -4.97 10.90 0.20
O1 SO4 F . -5.54 10.71 1.55
O2 SO4 F . -5.13 9.66 -0.58
O3 SO4 F . -5.69 11.99 -0.47
O4 SO4 F . -3.55 11.24 0.31
#